data_8J1T
#
_entry.id   8J1T
#
_cell.length_a   1.00
_cell.length_b   1.00
_cell.length_c   1.00
_cell.angle_alpha   90.00
_cell.angle_beta   90.00
_cell.angle_gamma   90.00
#
_symmetry.space_group_name_H-M   'P 1'
#
loop_
_entity.id
_entity.type
_entity.pdbx_description
1 polymer '8-9D heavy chain'
2 polymer '8-9D light chain'
3 polymer 'Spike protein'
#
loop_
_entity_poly.entity_id
_entity_poly.type
_entity_poly.pdbx_seq_one_letter_code
_entity_poly.pdbx_strand_id
1 'polypeptide(L)'
;VQLVESGGGLVQPGGSLRLSCAASGLTVSSNYMNWVRQAPGKGLEWVSVFYPGGSTFYADSVRGRFTISRDNSKNTLYLQ
MNSLRAEDTAVYYCARDHSGHALDIWGQGTMVTVS
;
H
2 'polypeptide(L)'
;DIQMTQSPSFLSASVGDRVTITCRASQGISSYLAWYQQKPGKAPKLLIYAASTLQSGVPSRFSGSGSGTEFTLTISSLQP
EDFATYYCQHLNSYPSMYTFGQGTKVDI
;
K
3 'polypeptide(L)'
;NLCPFDEVFNATRFASVYAWNRKRISNCVADYSVLYNFAPFFAFKCYGVSPTKLNDLCFTNVYADSFVIRGNEVSQIAPG
QTGNIADYNYKLPDDFTGCVIAWNSNKLDSKVGGNYNYRYRLFRKSNLKPFERDISTEIYQAGNKPCNGVAGVNCYFPLQ
SYGFRPTYGVGHQPYRVVVLSFELLHAPATVCGP
;
F
#
# COMPACT_ATOMS: atom_id res chain seq x y z
N VAL A 1 10.53 17.91 10.05
CA VAL A 1 10.14 17.18 11.25
C VAL A 1 11.24 16.20 11.63
N GLN A 2 11.44 16.00 12.92
CA GLN A 2 12.50 15.15 13.43
C GLN A 2 11.90 13.91 14.06
N LEU A 3 12.57 12.77 13.88
CA LEU A 3 12.18 11.51 14.51
C LEU A 3 13.41 10.96 15.26
N VAL A 4 13.56 11.36 16.52
CA VAL A 4 14.65 10.86 17.34
C VAL A 4 14.24 9.55 18.00
N GLU A 5 15.12 8.57 17.93
CA GLU A 5 14.83 7.24 18.45
C GLU A 5 15.73 6.95 19.65
N SER A 6 15.19 6.22 20.62
CA SER A 6 15.91 5.88 21.84
C SER A 6 15.84 4.37 22.04
N GLY A 7 16.57 3.91 23.05
CA GLY A 7 16.65 2.50 23.34
C GLY A 7 17.77 1.82 22.55
N GLY A 8 18.01 0.56 22.89
CA GLY A 8 19.01 -0.20 22.19
C GLY A 8 19.97 -0.93 23.10
N GLY A 9 21.26 -0.83 22.81
CA GLY A 9 22.26 -1.53 23.61
C GLY A 9 22.41 -2.98 23.18
N LEU A 10 22.79 -3.81 24.14
CA LEU A 10 23.00 -5.24 23.92
C LEU A 10 22.01 -6.02 24.77
N VAL A 11 21.34 -7.00 24.17
CA VAL A 11 20.43 -7.89 24.88
C VAL A 11 20.86 -9.32 24.58
N GLN A 12 20.84 -10.18 25.60
CA GLN A 12 21.20 -11.57 25.43
C GLN A 12 20.14 -12.27 24.59
N PRO A 13 20.49 -13.38 23.93
CA PRO A 13 19.49 -14.13 23.19
C PRO A 13 18.36 -14.58 24.10
N GLY A 14 17.14 -14.47 23.59
CA GLY A 14 15.96 -14.72 24.38
C GLY A 14 15.53 -13.57 25.26
N GLY A 15 16.23 -12.45 25.23
CA GLY A 15 15.88 -11.30 26.03
C GLY A 15 14.80 -10.47 25.38
N SER A 16 14.66 -9.24 25.87
CA SER A 16 13.62 -8.34 25.41
C SER A 16 14.11 -6.90 25.47
N LEU A 17 13.70 -6.11 24.48
CA LEU A 17 13.96 -4.68 24.43
C LEU A 17 12.74 -3.95 23.91
N ARG A 18 12.70 -2.65 24.13
CA ARG A 18 11.69 -1.78 23.54
C ARG A 18 12.36 -0.52 23.03
N LEU A 19 11.94 -0.05 21.86
CA LEU A 19 12.45 1.16 21.26
C LEU A 19 11.32 2.16 21.07
N SER A 20 11.59 3.43 21.38
CA SER A 20 10.60 4.49 21.30
C SER A 20 10.99 5.45 20.18
N CYS A 21 10.00 5.85 19.40
CA CYS A 21 10.22 6.75 18.26
C CYS A 21 9.57 8.09 18.59
N ALA A 22 10.37 9.07 18.96
CA ALA A 22 9.89 10.39 19.35
C ALA A 22 9.78 11.26 18.11
N ALA A 23 8.58 11.77 17.85
CA ALA A 23 8.31 12.59 16.68
C ALA A 23 7.73 13.93 17.10
N SER A 24 8.36 15.01 16.65
CA SER A 24 7.93 16.37 16.99
C SER A 24 7.68 17.11 15.67
N GLY A 25 6.41 17.18 15.28
CA GLY A 25 6.03 17.85 14.04
C GLY A 25 4.96 17.11 13.28
N LEU A 26 4.90 15.80 13.47
CA LEU A 26 3.88 14.97 12.85
C LEU A 26 3.21 14.12 13.91
N THR A 27 1.93 13.81 13.69
CA THR A 27 1.17 13.01 14.64
C THR A 27 1.36 11.54 14.34
N VAL A 28 1.80 10.78 15.35
CA VAL A 28 1.95 9.34 15.17
C VAL A 28 0.59 8.67 14.96
N SER A 29 -0.47 9.21 15.55
CA SER A 29 -1.81 8.64 15.44
C SER A 29 -2.53 9.07 14.17
N SER A 30 -1.80 9.58 13.17
CA SER A 30 -2.42 10.05 11.95
C SER A 30 -1.68 9.67 10.68
N ASN A 31 -0.48 9.10 10.76
CA ASN A 31 0.34 8.82 9.59
C ASN A 31 0.73 7.34 9.55
N TYR A 32 1.04 6.86 8.35
CA TYR A 32 1.61 5.52 8.22
C TYR A 32 3.00 5.52 8.80
N MET A 33 3.21 4.79 9.90
CA MET A 33 4.51 4.69 10.53
C MET A 33 4.97 3.25 10.50
N ASN A 34 6.28 3.06 10.31
CA ASN A 34 6.81 1.72 10.08
C ASN A 34 8.24 1.62 10.58
N TRP A 35 8.71 0.39 10.72
CA TRP A 35 10.04 0.09 11.22
C TRP A 35 10.87 -0.58 10.13
N VAL A 36 12.09 -0.11 9.93
CA VAL A 36 12.97 -0.59 8.87
C VAL A 36 14.28 -1.06 9.50
N ARG A 37 14.76 -2.22 9.05
CA ARG A 37 15.91 -2.90 9.63
C ARG A 37 17.03 -2.97 8.61
N GLN A 38 18.28 -2.83 9.08
CA GLN A 38 19.44 -2.83 8.20
C GLN A 38 20.60 -3.52 8.91
N ALA A 39 20.85 -4.78 8.56
CA ALA A 39 22.02 -5.47 9.10
C ALA A 39 23.29 -4.80 8.58
N PRO A 40 24.38 -4.86 9.34
CA PRO A 40 25.61 -4.19 8.92
C PRO A 40 26.11 -4.73 7.58
N GLY A 41 26.43 -3.81 6.68
CA GLY A 41 26.95 -4.18 5.38
C GLY A 41 26.00 -4.96 4.51
N LYS A 42 24.70 -4.68 4.61
CA LYS A 42 23.69 -5.38 3.82
C LYS A 42 22.57 -4.40 3.49
N GLY A 43 21.59 -4.88 2.71
CA GLY A 43 20.48 -4.06 2.33
C GLY A 43 19.46 -3.89 3.44
N LEU A 44 18.45 -3.08 3.16
CA LEU A 44 17.42 -2.77 4.13
C LEU A 44 16.28 -3.79 4.05
N GLU A 45 15.50 -3.85 5.13
CA GLU A 45 14.39 -4.78 5.23
C GLU A 45 13.29 -4.12 6.05
N TRP A 46 12.06 -4.61 5.87
CA TRP A 46 10.88 -4.04 6.49
C TRP A 46 10.38 -4.93 7.62
N VAL A 47 9.99 -4.31 8.73
CA VAL A 47 9.65 -5.06 9.94
C VAL A 47 8.16 -4.93 10.28
N SER A 48 7.68 -3.71 10.47
CA SER A 48 6.31 -3.48 10.93
C SER A 48 5.69 -2.33 10.14
N VAL A 49 4.42 -2.06 10.43
CA VAL A 49 3.68 -0.94 9.87
C VAL A 49 2.51 -0.69 10.81
N PHE A 50 2.04 0.56 10.87
CA PHE A 50 1.01 0.88 11.84
C PHE A 50 0.17 2.02 11.29
N TYR A 51 -1.04 1.69 10.84
CA TYR A 51 -1.94 2.61 10.16
C TYR A 51 -2.55 3.60 11.15
N PRO A 52 -3.19 4.67 10.65
CA PRO A 52 -3.96 5.54 11.55
C PRO A 52 -5.03 4.79 12.32
N GLY A 53 -5.71 3.85 11.70
CA GLY A 53 -6.62 3.00 12.42
C GLY A 53 -5.90 1.93 13.21
N GLY A 54 -6.65 1.18 13.99
CA GLY A 54 -6.06 0.13 14.79
C GLY A 54 -5.68 -1.08 13.96
N SER A 55 -4.69 -0.90 13.08
CA SER A 55 -4.24 -1.97 12.19
C SER A 55 -2.73 -2.07 12.26
N THR A 56 -2.22 -3.28 12.02
CA THR A 56 -0.80 -3.54 12.06
C THR A 56 -0.48 -4.77 11.23
N PHE A 57 0.53 -4.66 10.38
CA PHE A 57 1.00 -5.78 9.58
C PHE A 57 2.49 -5.97 9.84
N TYR A 58 2.91 -7.22 9.97
CA TYR A 58 4.28 -7.55 10.25
C TYR A 58 4.87 -8.36 9.10
N ALA A 59 6.19 -8.30 8.99
CA ALA A 59 6.88 -9.16 8.04
C ALA A 59 6.89 -10.59 8.57
N ASP A 60 7.18 -11.53 7.66
CA ASP A 60 7.18 -12.94 8.05
C ASP A 60 8.27 -13.25 9.07
N SER A 61 9.44 -12.64 8.93
CA SER A 61 10.56 -12.92 9.81
C SER A 61 10.42 -12.28 11.19
N VAL A 62 9.45 -11.39 11.39
CA VAL A 62 9.32 -10.70 12.67
C VAL A 62 7.90 -10.83 13.19
N ARG A 63 7.22 -11.92 12.85
CA ARG A 63 5.84 -12.12 13.25
C ARG A 63 5.78 -13.03 14.47
N GLY A 64 5.02 -12.59 15.48
CA GLY A 64 4.82 -13.37 16.69
C GLY A 64 5.79 -13.06 17.81
N ARG A 65 6.94 -12.46 17.51
CA ARG A 65 7.89 -12.03 18.52
C ARG A 65 7.99 -10.52 18.61
N PHE A 66 7.55 -9.80 17.59
CA PHE A 66 7.65 -8.35 17.53
C PHE A 66 6.27 -7.76 17.67
N THR A 67 6.12 -6.81 18.60
CA THR A 67 4.86 -6.11 18.80
C THR A 67 5.10 -4.61 18.78
N ILE A 68 4.20 -3.89 18.13
CA ILE A 68 4.32 -2.45 17.98
C ILE A 68 3.22 -1.81 18.81
N SER A 69 3.49 -0.60 19.29
CA SER A 69 2.51 0.12 20.08
C SER A 69 2.66 1.61 19.88
N ARG A 70 1.57 2.34 20.07
CA ARG A 70 1.51 3.79 19.88
C ARG A 70 0.89 4.42 21.13
N ASP A 71 1.43 5.54 21.55
CA ASP A 71 0.93 6.29 22.71
C ASP A 71 0.77 7.74 22.31
N ASN A 72 -0.48 8.21 22.25
CA ASN A 72 -0.73 9.59 21.86
C ASN A 72 -0.40 10.57 22.98
N SER A 73 -0.22 10.06 24.21
CA SER A 73 0.12 10.94 25.32
C SER A 73 1.49 11.57 25.14
N LYS A 74 2.48 10.76 24.76
CA LYS A 74 3.84 11.25 24.53
C LYS A 74 4.12 11.51 23.06
N ASN A 75 3.16 11.23 22.17
CA ASN A 75 3.33 11.41 20.73
C ASN A 75 4.55 10.63 20.25
N THR A 76 4.61 9.35 20.61
CA THR A 76 5.76 8.51 20.34
C THR A 76 5.30 7.14 19.88
N LEU A 77 6.18 6.45 19.17
CA LEU A 77 5.91 5.10 18.67
C LEU A 77 6.87 4.11 19.32
N TYR A 78 6.32 2.99 19.79
CA TYR A 78 7.10 1.98 20.50
C TYR A 78 7.10 0.68 19.73
N LEU A 79 8.22 -0.04 19.78
CA LEU A 79 8.33 -1.38 19.23
C LEU A 79 8.83 -2.32 20.32
N GLN A 80 8.12 -3.41 20.54
CA GLN A 80 8.48 -4.40 21.54
C GLN A 80 9.01 -5.65 20.85
N MET A 81 10.15 -6.15 21.31
CA MET A 81 10.83 -7.28 20.68
C MET A 81 11.15 -8.33 21.71
N ASN A 82 11.12 -9.60 21.31
CA ASN A 82 11.57 -10.71 22.13
C ASN A 82 12.70 -11.40 21.38
N SER A 83 13.92 -10.90 21.56
CA SER A 83 14.98 -10.99 20.56
C SER A 83 15.43 -12.42 20.29
N LEU A 84 16.12 -12.58 19.17
CA LEU A 84 16.76 -13.82 18.76
C LEU A 84 18.09 -13.46 18.11
N ARG A 85 19.02 -14.43 18.10
CA ARG A 85 20.41 -14.12 17.76
C ARG A 85 20.56 -13.60 16.34
N ALA A 86 19.72 -14.05 15.40
CA ALA A 86 19.79 -13.61 14.03
C ALA A 86 18.61 -12.76 13.61
N GLU A 87 17.57 -12.69 14.44
CA GLU A 87 16.40 -11.86 14.14
C GLU A 87 16.68 -10.38 14.34
N ASP A 88 17.57 -10.02 15.26
CA ASP A 88 17.78 -8.63 15.65
C ASP A 88 19.27 -8.41 15.84
N THR A 89 19.96 -8.02 14.78
CA THR A 89 21.38 -7.66 14.85
C THR A 89 21.64 -6.46 13.95
N ALA A 90 20.78 -5.44 14.05
CA ALA A 90 20.78 -4.38 13.04
C ALA A 90 20.35 -3.06 13.64
N VAL A 91 20.66 -2.00 12.90
CA VAL A 91 20.14 -0.66 13.22
C VAL A 91 18.68 -0.58 12.78
N TYR A 92 17.89 0.13 13.58
CA TYR A 92 16.45 0.22 13.37
C TYR A 92 16.06 1.65 13.03
N TYR A 93 15.18 1.82 12.05
CA TYR A 93 14.78 3.12 11.56
C TYR A 93 13.29 3.33 11.68
N CYS A 94 12.90 4.59 11.88
CA CYS A 94 11.52 5.02 12.01
C CYS A 94 11.20 5.99 10.89
N ALA A 95 10.07 5.79 10.19
CA ALA A 95 9.80 6.57 9.00
C ALA A 95 8.30 6.88 8.87
N ARG A 96 8.00 7.86 8.02
CA ARG A 96 6.63 8.22 7.68
C ARG A 96 6.41 8.07 6.18
N ASP A 97 5.18 7.74 5.80
CA ASP A 97 4.80 7.50 4.40
C ASP A 97 3.95 8.65 3.91
N HIS A 98 4.40 9.32 2.85
CA HIS A 98 3.62 10.40 2.26
C HIS A 98 2.56 9.87 1.31
N SER A 99 3.00 9.25 0.21
CA SER A 99 2.14 8.93 -0.92
C SER A 99 1.89 7.43 -1.01
N GLY A 100 1.89 6.75 0.12
CA GLY A 100 1.59 5.33 0.15
C GLY A 100 2.71 4.42 -0.30
N HIS A 101 3.84 4.97 -0.75
CA HIS A 101 4.99 4.14 -1.10
C HIS A 101 6.33 4.69 -0.64
N ALA A 102 6.46 5.98 -0.37
CA ALA A 102 7.75 6.61 -0.13
C ALA A 102 7.89 6.99 1.33
N LEU A 103 9.02 6.62 1.92
CA LEU A 103 9.34 6.94 3.31
C LEU A 103 10.30 8.12 3.30
N ASP A 104 9.86 9.27 3.81
CA ASP A 104 10.65 10.50 3.73
C ASP A 104 11.40 10.80 5.02
N ILE A 105 10.68 10.96 6.13
CA ILE A 105 11.29 11.41 7.38
C ILE A 105 11.87 10.19 8.08
N TRP A 106 13.13 9.89 7.79
CA TRP A 106 13.85 8.78 8.39
C TRP A 106 14.62 9.29 9.60
N GLY A 107 14.40 8.68 10.75
CA GLY A 107 15.13 9.06 11.93
C GLY A 107 16.49 8.42 12.01
N GLN A 108 17.29 8.88 12.97
CA GLN A 108 18.60 8.32 13.20
C GLN A 108 18.47 6.89 13.73
N GLY A 109 19.38 6.02 13.30
CA GLY A 109 19.29 4.63 13.68
C GLY A 109 19.69 4.38 15.13
N THR A 110 19.21 3.27 15.67
CA THR A 110 19.60 2.80 16.99
C THR A 110 20.19 1.41 16.86
N MET A 111 21.39 1.22 17.40
CA MET A 111 22.05 -0.07 17.35
C MET A 111 21.41 -1.02 18.36
N VAL A 112 21.01 -2.20 17.89
CA VAL A 112 20.41 -3.23 18.73
C VAL A 112 21.12 -4.53 18.40
N THR A 113 22.14 -4.87 19.18
CA THR A 113 22.90 -6.08 18.97
C THR A 113 22.59 -7.09 20.06
N VAL A 114 22.71 -8.37 19.73
CA VAL A 114 22.41 -9.46 20.65
C VAL A 114 23.69 -10.26 20.91
N SER A 115 23.99 -10.49 22.18
CA SER A 115 25.14 -11.27 22.60
C SER A 115 25.10 -11.54 24.11
N ASP B 1 3.69 -12.71 -6.04
CA ASP B 1 4.86 -12.08 -5.46
C ASP B 1 5.80 -11.58 -6.55
N ILE B 2 6.50 -10.48 -6.28
CA ILE B 2 7.44 -9.89 -7.22
C ILE B 2 8.79 -9.75 -6.53
N GLN B 3 9.86 -9.83 -7.31
CA GLN B 3 11.22 -9.71 -6.81
C GLN B 3 11.90 -8.52 -7.46
N MET B 4 12.50 -7.67 -6.64
CA MET B 4 13.17 -6.45 -7.13
C MET B 4 14.66 -6.71 -7.16
N THR B 5 15.27 -6.54 -8.33
CA THR B 5 16.69 -6.74 -8.50
C THR B 5 17.29 -5.59 -9.30
N GLN B 6 18.55 -5.29 -9.02
CA GLN B 6 19.29 -4.23 -9.69
C GLN B 6 20.46 -4.82 -10.43
N SER B 7 20.65 -4.40 -11.68
CA SER B 7 21.68 -4.94 -12.54
C SER B 7 23.07 -4.39 -12.23
N PRO B 8 23.27 -3.07 -12.09
CA PRO B 8 24.65 -2.55 -12.01
C PRO B 8 25.46 -3.10 -10.85
N SER B 9 24.85 -3.27 -9.68
CA SER B 9 25.57 -3.64 -8.46
C SER B 9 26.70 -2.63 -8.28
N PHE B 10 27.94 -3.06 -8.10
CA PHE B 10 29.05 -2.13 -7.98
C PHE B 10 29.31 -1.45 -9.32
N LEU B 11 29.75 -0.19 -9.25
CA LEU B 11 30.11 0.57 -10.44
C LEU B 11 31.34 1.41 -10.15
N SER B 12 31.98 1.88 -11.22
CA SER B 12 33.06 2.85 -11.12
C SER B 12 32.76 4.00 -12.07
N ALA B 13 32.60 5.20 -11.51
CA ALA B 13 32.26 6.37 -12.30
C ALA B 13 33.13 7.54 -11.86
N SER B 14 33.71 8.24 -12.83
CA SER B 14 34.56 9.39 -12.55
C SER B 14 33.70 10.63 -12.33
N VAL B 15 34.36 11.72 -11.92
CA VAL B 15 33.66 12.98 -11.70
C VAL B 15 33.11 13.53 -13.02
N GLY B 16 33.90 13.43 -14.08
CA GLY B 16 33.50 14.04 -15.34
C GLY B 16 32.24 13.45 -15.94
N ASP B 17 32.13 12.12 -15.92
CA ASP B 17 31.02 11.46 -16.59
C ASP B 17 29.80 11.35 -15.67
N ARG B 18 28.72 10.83 -16.21
CA ARG B 18 27.48 10.60 -15.49
C ARG B 18 27.32 9.12 -15.18
N VAL B 19 26.25 8.80 -14.43
CA VAL B 19 25.97 7.43 -14.02
C VAL B 19 24.49 7.14 -14.21
N THR B 20 24.18 5.95 -14.71
CA THR B 20 22.82 5.50 -14.93
C THR B 20 22.61 4.18 -14.21
N ILE B 21 21.53 4.10 -13.44
CA ILE B 21 21.22 2.96 -12.59
C ILE B 21 19.86 2.42 -12.99
N THR B 22 19.71 1.09 -12.97
CA THR B 22 18.43 0.47 -13.32
C THR B 22 18.14 -0.68 -12.36
N CYS B 23 16.87 -0.78 -11.96
CA CYS B 23 16.40 -1.89 -11.14
C CYS B 23 15.13 -2.46 -11.75
N ARG B 24 15.06 -3.78 -11.83
CA ARG B 24 13.98 -4.47 -12.53
C ARG B 24 13.02 -5.09 -11.53
N ALA B 25 11.74 -5.18 -11.92
CA ALA B 25 10.70 -5.77 -11.10
C ALA B 25 10.07 -6.92 -11.86
N SER B 26 10.06 -8.10 -11.24
CA SER B 26 9.46 -9.26 -11.89
C SER B 26 7.94 -9.13 -11.92
N GLN B 27 7.34 -9.76 -12.92
CA GLN B 27 5.88 -9.83 -13.07
C GLN B 27 5.25 -8.44 -13.14
N GLY B 28 5.91 -7.53 -13.84
CA GLY B 28 5.34 -6.21 -14.06
C GLY B 28 5.35 -5.35 -12.81
N ILE B 29 4.86 -4.12 -12.92
CA ILE B 29 4.93 -3.17 -11.81
C ILE B 29 4.03 -1.98 -12.08
N SER B 30 3.61 -1.29 -11.04
CA SER B 30 2.85 -0.06 -11.17
C SER B 30 3.81 1.10 -11.38
N SER B 31 3.30 2.33 -11.24
CA SER B 31 4.09 3.54 -11.43
C SER B 31 4.69 4.07 -10.14
N TYR B 32 4.53 3.36 -9.02
CA TYR B 32 4.98 3.83 -7.71
C TYR B 32 6.31 3.16 -7.38
N LEU B 33 7.39 3.95 -7.40
CA LEU B 33 8.71 3.47 -7.00
C LEU B 33 9.51 4.65 -6.45
N ALA B 34 10.28 4.38 -5.40
CA ALA B 34 11.05 5.42 -4.72
C ALA B 34 12.53 5.07 -4.77
N TRP B 35 13.35 6.10 -4.87
CA TRP B 35 14.81 5.98 -4.86
C TRP B 35 15.37 6.62 -3.62
N TYR B 36 16.29 5.93 -2.95
CA TYR B 36 16.91 6.40 -1.72
C TYR B 36 18.42 6.55 -1.90
N GLN B 37 18.99 7.45 -1.12
CA GLN B 37 20.43 7.66 -1.07
C GLN B 37 20.90 7.47 0.36
N GLN B 38 21.95 6.67 0.54
CA GLN B 38 22.43 6.33 1.88
C GLN B 38 23.96 6.44 1.89
N LYS B 39 24.46 7.59 2.34
CA LYS B 39 25.88 7.72 2.61
C LYS B 39 26.24 6.80 3.77
N PRO B 40 27.45 6.21 3.77
CA PRO B 40 27.78 5.24 4.82
C PRO B 40 27.66 5.84 6.21
N GLY B 41 27.02 5.08 7.10
CA GLY B 41 26.83 5.53 8.47
C GLY B 41 25.83 6.65 8.64
N LYS B 42 24.88 6.80 7.72
CA LYS B 42 23.84 7.82 7.84
C LYS B 42 22.49 7.24 7.45
N ALA B 43 21.45 7.75 8.09
CA ALA B 43 20.10 7.30 7.76
C ALA B 43 19.73 7.74 6.35
N PRO B 44 19.15 6.85 5.54
CA PRO B 44 18.88 7.22 4.15
C PRO B 44 17.77 8.26 4.05
N LYS B 45 17.84 9.05 3.00
CA LYS B 45 16.87 10.10 2.74
C LYS B 45 16.24 9.91 1.37
N LEU B 46 14.95 10.24 1.28
CA LEU B 46 14.23 10.13 0.02
C LEU B 46 14.85 11.03 -1.04
N LEU B 47 15.01 10.48 -2.24
CA LEU B 47 15.62 11.21 -3.34
C LEU B 47 14.62 11.44 -4.48
N ILE B 48 14.00 10.39 -5.00
CA ILE B 48 12.99 10.49 -6.03
C ILE B 48 11.86 9.53 -5.69
N TYR B 49 10.62 10.01 -5.73
CA TYR B 49 9.46 9.18 -5.45
C TYR B 49 8.44 9.27 -6.56
N ALA B 50 7.58 8.27 -6.62
CA ALA B 50 6.51 8.14 -7.64
C ALA B 50 7.18 8.11 -9.02
N ALA B 51 6.58 8.73 -10.03
CA ALA B 51 7.08 8.69 -11.40
C ALA B 51 7.80 10.01 -11.67
N SER B 52 9.08 10.06 -11.30
CA SER B 52 9.93 11.22 -11.58
C SER B 52 9.32 12.50 -11.01
N THR B 53 8.75 12.40 -9.81
CA THR B 53 8.14 13.55 -9.17
C THR B 53 9.17 14.57 -8.71
N LEU B 54 10.34 14.13 -8.27
CA LEU B 54 11.36 14.98 -7.65
C LEU B 54 10.84 15.52 -6.33
N GLN B 55 11.74 15.83 -5.41
CA GLN B 55 11.34 16.21 -4.07
C GLN B 55 12.00 17.51 -3.66
N SER B 56 11.30 18.28 -2.82
CA SER B 56 11.87 19.52 -2.31
C SER B 56 13.10 19.22 -1.46
N GLY B 57 14.18 19.96 -1.72
CA GLY B 57 15.46 19.73 -1.09
C GLY B 57 16.36 18.79 -1.87
N VAL B 58 15.81 17.96 -2.74
CA VAL B 58 16.60 17.14 -3.66
C VAL B 58 16.98 18.00 -4.85
N PRO B 59 18.26 18.08 -5.21
CA PRO B 59 18.66 18.95 -6.32
C PRO B 59 18.04 18.52 -7.63
N SER B 60 17.85 19.49 -8.52
CA SER B 60 17.42 19.20 -9.88
C SER B 60 18.47 18.42 -10.64
N ARG B 61 19.68 18.32 -10.10
CA ARG B 61 20.71 17.43 -10.62
C ARG B 61 20.18 16.02 -10.84
N PHE B 62 19.44 15.49 -9.88
CA PHE B 62 18.90 14.14 -9.96
C PHE B 62 17.60 14.13 -10.76
N SER B 63 17.41 13.07 -11.54
CA SER B 63 16.18 12.89 -12.30
C SER B 63 16.07 11.41 -12.66
N GLY B 64 15.03 10.76 -12.15
CA GLY B 64 14.81 9.35 -12.43
C GLY B 64 13.48 9.10 -13.10
N SER B 65 13.51 8.67 -14.36
CA SER B 65 12.32 8.50 -15.16
C SER B 65 12.26 7.07 -15.71
N GLY B 66 11.06 6.52 -15.72
CA GLY B 66 10.87 5.18 -16.25
C GLY B 66 9.40 4.83 -16.22
N SER B 67 9.06 3.74 -16.91
CA SER B 67 7.69 3.27 -16.97
C SER B 67 7.68 1.75 -17.08
N GLY B 68 6.71 1.14 -16.41
CA GLY B 68 6.58 -0.29 -16.50
C GLY B 68 7.77 -1.01 -15.89
N THR B 69 8.07 -2.19 -16.44
CA THR B 69 9.08 -3.06 -15.83
C THR B 69 10.44 -2.39 -15.77
N GLU B 70 10.84 -1.68 -16.82
CA GLU B 70 12.13 -1.03 -16.90
C GLU B 70 12.08 0.31 -16.19
N PHE B 71 12.86 0.44 -15.11
CA PHE B 71 12.95 1.67 -14.33
C PHE B 71 14.41 2.06 -14.18
N THR B 72 14.68 3.36 -14.21
CA THR B 72 16.05 3.83 -14.16
C THR B 72 16.11 5.23 -13.59
N LEU B 73 17.29 5.59 -13.09
CA LEU B 73 17.57 6.92 -12.59
C LEU B 73 18.93 7.36 -13.12
N THR B 74 19.04 8.65 -13.45
CA THR B 74 20.28 9.19 -13.99
C THR B 74 20.65 10.48 -13.27
N ILE B 75 21.95 10.70 -13.15
CA ILE B 75 22.50 11.91 -12.55
C ILE B 75 23.25 12.67 -13.64
N SER B 76 22.90 13.95 -13.82
CA SER B 76 23.44 14.72 -14.94
C SER B 76 24.76 15.39 -14.61
N SER B 77 24.90 15.95 -13.41
CA SER B 77 26.03 16.80 -13.08
C SER B 77 27.26 15.95 -12.76
N LEU B 78 28.32 16.60 -12.28
CA LEU B 78 29.62 15.98 -12.12
C LEU B 78 29.80 15.26 -10.79
N GLN B 79 28.79 15.29 -9.91
CA GLN B 79 28.84 14.56 -8.64
C GLN B 79 30.02 15.02 -7.79
N PRO B 80 29.98 16.24 -7.23
CA PRO B 80 31.11 16.72 -6.43
C PRO B 80 31.41 15.82 -5.24
N GLU B 81 30.42 15.61 -4.38
CA GLU B 81 30.54 14.66 -3.28
C GLU B 81 30.13 13.29 -3.82
N ASP B 82 31.11 12.40 -3.98
CA ASP B 82 30.84 11.11 -4.59
C ASP B 82 29.82 10.33 -3.77
N PHE B 83 28.68 10.06 -4.36
CA PHE B 83 27.61 9.34 -3.68
C PHE B 83 28.01 7.88 -3.48
N ALA B 84 27.29 7.20 -2.58
CA ALA B 84 27.69 5.87 -2.16
C ALA B 84 26.68 4.79 -2.52
N THR B 85 25.45 4.85 -2.02
CA THR B 85 24.52 3.73 -2.17
C THR B 85 23.15 4.24 -2.60
N TYR B 86 22.39 3.32 -3.22
CA TYR B 86 21.09 3.65 -3.78
C TYR B 86 20.21 2.41 -3.76
N TYR B 87 18.91 2.62 -3.63
CA TYR B 87 17.96 1.51 -3.46
C TYR B 87 16.66 1.82 -4.18
N CYS B 88 15.89 0.76 -4.44
CA CYS B 88 14.54 0.81 -4.98
C CYS B 88 13.56 0.30 -3.94
N GLN B 89 12.27 0.60 -4.15
CA GLN B 89 11.24 -0.10 -3.41
C GLN B 89 9.93 -0.02 -4.17
N HIS B 90 8.94 -0.76 -3.65
CA HIS B 90 7.58 -0.71 -4.17
C HIS B 90 6.69 -1.40 -3.15
N LEU B 91 5.63 -0.73 -2.71
CA LEU B 91 4.72 -1.35 -1.77
C LEU B 91 3.90 -2.44 -2.45
N ASN B 92 3.65 -3.52 -1.70
CA ASN B 92 3.01 -4.72 -2.24
C ASN B 92 1.77 -5.11 -1.45
N SER B 93 1.32 -6.35 -1.62
CA SER B 93 0.12 -6.85 -0.98
C SER B 93 0.45 -7.30 0.44
N TYR B 94 -0.54 -7.88 1.13
CA TYR B 94 -0.46 -8.17 2.56
C TYR B 94 0.85 -8.80 3.03
N PRO B 95 1.37 -9.88 2.42
CA PRO B 95 2.45 -10.62 3.08
C PRO B 95 3.80 -9.91 3.07
N SER B 96 4.15 -9.27 1.96
CA SER B 96 5.48 -8.72 1.78
C SER B 96 5.57 -7.22 2.04
N MET B 97 4.64 -6.44 1.49
CA MET B 97 4.62 -4.98 1.65
C MET B 97 5.91 -4.41 1.09
N TYR B 98 6.74 -3.76 1.88
CA TYR B 98 7.86 -2.98 1.34
C TYR B 98 9.00 -3.91 0.92
N THR B 99 9.36 -3.87 -0.35
CA THR B 99 10.43 -4.68 -0.91
C THR B 99 11.52 -3.77 -1.44
N PHE B 100 12.71 -3.86 -0.85
CA PHE B 100 13.80 -2.96 -1.20
C PHE B 100 14.76 -3.53 -2.24
N GLY B 101 14.95 -4.84 -2.26
CA GLY B 101 15.84 -5.44 -3.24
C GLY B 101 17.31 -5.19 -2.90
N GLN B 102 18.17 -5.71 -3.76
CA GLN B 102 19.60 -5.58 -3.58
C GLN B 102 20.02 -4.13 -3.73
N GLY B 103 21.07 -3.74 -3.01
CA GLY B 103 21.58 -2.40 -3.07
C GLY B 103 22.50 -2.17 -4.27
N THR B 104 22.94 -0.92 -4.39
CA THR B 104 23.85 -0.51 -5.45
C THR B 104 24.96 0.35 -4.86
N LYS B 105 26.15 0.24 -5.43
CA LYS B 105 27.32 0.98 -4.97
C LYS B 105 27.95 1.69 -6.16
N VAL B 106 28.24 2.97 -5.98
CA VAL B 106 28.92 3.78 -6.99
C VAL B 106 29.96 4.62 -6.27
N ASP B 107 31.12 4.80 -6.90
CA ASP B 107 32.22 5.53 -6.27
C ASP B 107 33.18 6.00 -7.34
N ILE B 108 34.28 6.59 -6.89
CA ILE B 108 35.34 7.05 -7.77
C ILE B 108 36.20 5.87 -8.22
N ASN C 1 -41.25 -9.86 -14.40
CA ASN C 1 -40.39 -8.70 -14.21
C ASN C 1 -39.01 -9.13 -13.72
N LEU C 2 -38.10 -9.47 -14.63
CA LEU C 2 -36.78 -9.91 -14.24
C LEU C 2 -36.00 -8.77 -13.61
N CYS C 3 -35.19 -9.10 -12.61
CA CYS C 3 -34.39 -8.09 -11.93
C CYS C 3 -33.35 -7.52 -12.88
N PRO C 4 -32.91 -6.29 -12.64
CA PRO C 4 -31.89 -5.66 -13.49
C PRO C 4 -30.46 -6.09 -13.17
N PHE C 5 -30.26 -7.40 -12.96
CA PHE C 5 -28.91 -7.89 -12.78
C PHE C 5 -28.10 -7.75 -14.05
N ASP C 6 -28.76 -7.72 -15.21
CA ASP C 6 -28.05 -7.49 -16.47
C ASP C 6 -27.45 -6.09 -16.52
N GLU C 7 -28.18 -5.09 -16.03
CA GLU C 7 -27.69 -3.72 -16.08
C GLU C 7 -26.52 -3.50 -15.12
N VAL C 8 -26.58 -4.11 -13.93
CA VAL C 8 -25.54 -3.91 -12.94
C VAL C 8 -24.20 -4.47 -13.42
N PHE C 9 -24.23 -5.68 -14.00
CA PHE C 9 -22.98 -6.36 -14.32
C PHE C 9 -22.32 -5.79 -15.58
N ASN C 10 -23.11 -5.36 -16.56
CA ASN C 10 -22.55 -4.88 -17.83
C ASN C 10 -22.59 -3.35 -17.84
N ALA C 11 -22.16 -2.71 -16.77
CA ALA C 11 -21.97 -1.26 -16.82
C ALA C 11 -20.72 -0.94 -17.64
N THR C 12 -20.85 0.01 -18.55
CA THR C 12 -19.70 0.41 -19.37
C THR C 12 -18.60 1.01 -18.51
N ARG C 13 -18.96 1.85 -17.54
CA ARG C 13 -18.01 2.47 -16.64
C ARG C 13 -18.49 2.33 -15.21
N PHE C 14 -17.69 1.69 -14.37
CA PHE C 14 -17.94 1.61 -12.94
C PHE C 14 -17.36 2.84 -12.25
N ALA C 15 -17.45 2.89 -10.92
CA ALA C 15 -16.95 3.99 -10.13
C ALA C 15 -15.78 3.52 -9.28
N SER C 16 -15.08 4.48 -8.71
CA SER C 16 -13.99 4.15 -7.80
C SER C 16 -14.55 3.56 -6.51
N VAL C 17 -13.66 2.89 -5.75
CA VAL C 17 -14.11 2.19 -4.55
C VAL C 17 -14.59 3.17 -3.49
N TYR C 18 -13.98 4.36 -3.42
CA TYR C 18 -14.31 5.30 -2.34
C TYR C 18 -15.74 5.79 -2.46
N ALA C 19 -16.25 5.93 -3.68
CA ALA C 19 -17.64 6.28 -3.93
C ALA C 19 -18.26 5.14 -4.72
N TRP C 20 -18.75 4.14 -4.01
CA TRP C 20 -19.26 2.92 -4.63
C TRP C 20 -20.77 3.01 -4.83
N ASN C 21 -21.22 2.54 -5.99
CA ASN C 21 -22.64 2.55 -6.31
C ASN C 21 -23.39 1.54 -5.43
N ARG C 22 -24.70 1.69 -5.42
CA ARG C 22 -25.56 0.81 -4.64
C ARG C 22 -26.90 0.75 -5.36
N LYS C 23 -27.48 -0.44 -5.45
CA LYS C 23 -28.77 -0.61 -6.10
C LYS C 23 -29.63 -1.53 -5.25
N ARG C 24 -30.77 -1.02 -4.81
CA ARG C 24 -31.71 -1.76 -3.99
C ARG C 24 -32.63 -2.57 -4.92
N ILE C 25 -32.18 -3.77 -5.28
CA ILE C 25 -33.00 -4.65 -6.11
C ILE C 25 -34.13 -5.20 -5.27
N SER C 26 -35.36 -4.79 -5.59
CA SER C 26 -36.52 -5.26 -4.84
C SER C 26 -37.68 -5.45 -5.81
N ASN C 27 -38.56 -6.40 -5.45
CA ASN C 27 -39.79 -6.68 -6.19
C ASN C 27 -39.48 -7.07 -7.64
N CYS C 28 -38.75 -8.18 -7.78
CA CYS C 28 -38.51 -8.76 -9.09
C CYS C 28 -38.01 -10.19 -8.92
N VAL C 29 -38.14 -10.97 -9.99
CA VAL C 29 -37.60 -12.32 -10.01
C VAL C 29 -36.10 -12.24 -10.30
N ALA C 30 -35.30 -12.95 -9.51
CA ALA C 30 -33.85 -12.79 -9.54
C ALA C 30 -33.24 -13.50 -10.74
N ASP C 31 -33.38 -14.83 -10.79
CA ASP C 31 -32.77 -15.66 -11.83
C ASP C 31 -31.25 -15.46 -11.84
N TYR C 32 -30.63 -15.91 -10.74
CA TYR C 32 -29.19 -15.76 -10.55
C TYR C 32 -28.37 -16.56 -11.56
N SER C 33 -28.98 -17.49 -12.29
CA SER C 33 -28.21 -18.32 -13.22
C SER C 33 -27.65 -17.54 -14.39
N VAL C 34 -28.11 -16.31 -14.62
CA VAL C 34 -27.64 -15.52 -15.75
C VAL C 34 -26.18 -15.09 -15.58
N LEU C 35 -25.67 -15.09 -14.35
CA LEU C 35 -24.30 -14.65 -14.11
C LEU C 35 -23.28 -15.57 -14.76
N TYR C 36 -23.41 -16.88 -14.53
CA TYR C 36 -22.41 -17.82 -15.03
C TYR C 36 -22.38 -17.85 -16.55
N ASN C 37 -23.55 -17.82 -17.18
CA ASN C 37 -23.62 -18.06 -18.62
C ASN C 37 -22.89 -16.99 -19.42
N PHE C 38 -22.98 -15.74 -18.98
CA PHE C 38 -22.44 -14.63 -19.76
C PHE C 38 -21.05 -14.18 -19.31
N ALA C 39 -20.84 -13.96 -18.03
CA ALA C 39 -19.58 -13.41 -17.54
C ALA C 39 -18.73 -14.49 -16.89
N PRO C 40 -17.56 -14.83 -17.42
CA PRO C 40 -16.64 -15.68 -16.67
C PRO C 40 -16.16 -14.98 -15.41
N PHE C 41 -15.87 -15.76 -14.38
CA PHE C 41 -15.61 -15.22 -13.06
C PHE C 41 -14.19 -15.56 -12.60
N PHE C 42 -13.65 -14.73 -11.71
CA PHE C 42 -12.35 -14.94 -11.10
C PHE C 42 -12.46 -15.42 -9.65
N ALA C 43 -13.28 -14.75 -8.84
CA ALA C 43 -13.47 -15.12 -7.44
C ALA C 43 -14.96 -15.01 -7.12
N PHE C 44 -15.67 -16.11 -7.31
CA PHE C 44 -17.10 -16.19 -7.04
C PHE C 44 -17.29 -16.85 -5.68
N LYS C 45 -17.58 -16.05 -4.66
CA LYS C 45 -17.66 -16.52 -3.29
C LYS C 45 -18.94 -16.02 -2.64
N CYS C 46 -19.49 -16.82 -1.73
CA CYS C 46 -20.72 -16.47 -1.03
C CYS C 46 -20.58 -16.81 0.45
N TYR C 47 -21.17 -15.97 1.29
CA TYR C 47 -21.12 -16.13 2.74
C TYR C 47 -22.54 -16.15 3.28
N GLY C 48 -22.90 -17.24 3.95
CA GLY C 48 -24.23 -17.39 4.50
C GLY C 48 -25.27 -17.92 3.53
N VAL C 49 -24.95 -18.00 2.24
CA VAL C 49 -25.87 -18.50 1.22
C VAL C 49 -25.09 -19.41 0.28
N SER C 50 -25.84 -20.17 -0.52
CA SER C 50 -25.23 -21.11 -1.44
C SER C 50 -25.51 -20.69 -2.88
N PRO C 51 -24.60 -20.97 -3.81
CA PRO C 51 -24.80 -20.55 -5.20
C PRO C 51 -25.96 -21.27 -5.89
N THR C 52 -25.96 -22.60 -5.83
CA THR C 52 -27.00 -23.37 -6.49
C THR C 52 -28.36 -23.16 -5.83
N LYS C 53 -28.39 -23.08 -4.50
CA LYS C 53 -29.63 -22.92 -3.76
C LYS C 53 -30.03 -21.46 -3.60
N LEU C 54 -29.45 -20.56 -4.41
CA LEU C 54 -29.81 -19.16 -4.32
C LEU C 54 -31.15 -18.86 -4.98
N ASN C 55 -31.48 -19.57 -6.07
CA ASN C 55 -32.72 -19.28 -6.78
C ASN C 55 -33.95 -19.61 -5.94
N ASP C 56 -33.93 -20.75 -5.25
CA ASP C 56 -35.09 -21.19 -4.48
C ASP C 56 -35.07 -20.64 -3.06
N LEU C 57 -34.91 -19.33 -2.93
CA LEU C 57 -34.95 -18.66 -1.65
C LEU C 57 -35.59 -17.29 -1.84
N CYS C 58 -36.13 -16.76 -0.74
CA CYS C 58 -36.86 -15.50 -0.76
C CYS C 58 -36.16 -14.49 0.14
N PHE C 59 -35.97 -13.28 -0.37
CA PHE C 59 -35.36 -12.19 0.38
C PHE C 59 -36.18 -10.94 0.15
N THR C 60 -36.14 -10.03 1.13
CA THR C 60 -36.87 -8.78 0.99
C THR C 60 -36.05 -7.71 0.28
N ASN C 61 -34.73 -7.75 0.38
CA ASN C 61 -33.86 -6.77 -0.25
C ASN C 61 -32.56 -7.46 -0.65
N VAL C 62 -32.21 -7.36 -1.93
CA VAL C 62 -30.94 -7.85 -2.44
C VAL C 62 -30.20 -6.66 -3.00
N TYR C 63 -29.23 -6.15 -2.25
CA TYR C 63 -28.50 -4.97 -2.71
C TYR C 63 -27.44 -5.37 -3.73
N ALA C 64 -26.72 -4.38 -4.24
CA ALA C 64 -25.70 -4.61 -5.26
C ALA C 64 -24.72 -3.44 -5.22
N ASP C 65 -23.50 -3.70 -4.79
CA ASP C 65 -22.46 -2.68 -4.68
C ASP C 65 -21.35 -3.00 -5.66
N SER C 66 -20.99 -2.02 -6.50
CA SER C 66 -20.05 -2.24 -7.58
C SER C 66 -18.90 -1.25 -7.54
N PHE C 67 -17.69 -1.73 -7.82
CA PHE C 67 -16.50 -0.90 -7.86
C PHE C 67 -15.41 -1.64 -8.61
N VAL C 68 -14.26 -0.98 -8.75
CA VAL C 68 -13.10 -1.53 -9.44
C VAL C 68 -11.90 -1.50 -8.50
N ILE C 69 -11.28 -2.66 -8.30
CA ILE C 69 -10.19 -2.84 -7.34
C ILE C 69 -9.05 -3.55 -8.06
N ARG C 70 -7.83 -3.30 -7.60
CA ARG C 70 -6.67 -4.06 -8.03
C ARG C 70 -6.90 -5.55 -7.83
N GLY C 71 -6.20 -6.36 -8.61
CA GLY C 71 -6.37 -7.80 -8.52
C GLY C 71 -5.92 -8.36 -7.18
N ASN C 72 -4.75 -7.93 -6.72
CA ASN C 72 -4.21 -8.44 -5.47
C ASN C 72 -4.94 -7.90 -4.24
N GLU C 73 -5.82 -6.91 -4.42
CA GLU C 73 -6.58 -6.33 -3.33
C GLU C 73 -8.04 -6.77 -3.34
N VAL C 74 -8.43 -7.68 -4.23
CA VAL C 74 -9.79 -8.21 -4.22
C VAL C 74 -10.06 -8.98 -2.93
N SER C 75 -9.03 -9.65 -2.42
CA SER C 75 -9.17 -10.49 -1.23
C SER C 75 -9.51 -9.70 0.02
N GLN C 76 -9.36 -8.37 0.00
CA GLN C 76 -9.75 -7.56 1.16
C GLN C 76 -11.25 -7.40 1.28
N ILE C 77 -12.02 -7.75 0.25
CA ILE C 77 -13.47 -7.72 0.31
C ILE C 77 -13.91 -9.07 0.85
N ALA C 78 -14.09 -9.15 2.15
CA ALA C 78 -14.46 -10.36 2.87
C ALA C 78 -14.82 -9.96 4.30
N PRO C 79 -15.49 -10.80 5.08
CA PRO C 79 -15.82 -10.41 6.46
C PRO C 79 -14.57 -10.08 7.26
N GLY C 80 -14.68 -9.04 8.09
CA GLY C 80 -13.53 -8.60 8.86
C GLY C 80 -12.48 -7.99 7.95
N GLN C 81 -11.25 -8.51 8.06
CA GLN C 81 -10.11 -8.12 7.24
C GLN C 81 -9.65 -6.69 7.51
N THR C 82 -8.37 -6.42 7.25
CA THR C 82 -7.80 -5.10 7.42
C THR C 82 -6.90 -4.78 6.24
N GLY C 83 -6.94 -3.53 5.80
CA GLY C 83 -6.15 -3.13 4.65
C GLY C 83 -6.51 -1.73 4.21
N ASN C 84 -5.88 -1.30 3.11
CA ASN C 84 -6.13 0.03 2.58
C ASN C 84 -7.57 0.17 2.10
N ILE C 85 -8.10 -0.86 1.43
CA ILE C 85 -9.45 -0.80 0.87
C ILE C 85 -10.51 -1.16 1.90
N ALA C 86 -10.32 -2.26 2.62
CA ALA C 86 -11.35 -2.73 3.54
C ALA C 86 -11.57 -1.74 4.68
N ASP C 87 -10.49 -1.21 5.26
CA ASP C 87 -10.62 -0.39 6.46
C ASP C 87 -11.08 1.03 6.13
N TYR C 88 -10.66 1.58 4.99
CA TYR C 88 -10.85 3.00 4.75
C TYR C 88 -11.77 3.32 3.58
N ASN C 89 -12.16 2.34 2.77
CA ASN C 89 -13.05 2.61 1.64
C ASN C 89 -14.39 1.88 1.76
N TYR C 90 -14.38 0.57 1.97
CA TYR C 90 -15.62 -0.20 1.98
C TYR C 90 -15.40 -1.41 2.88
N LYS C 91 -16.09 -1.45 4.01
CA LYS C 91 -15.89 -2.47 5.02
C LYS C 91 -17.14 -3.36 5.09
N LEU C 92 -16.96 -4.65 4.86
CA LEU C 92 -18.06 -5.59 4.97
C LEU C 92 -18.28 -5.97 6.43
N PRO C 93 -19.50 -6.33 6.80
CA PRO C 93 -19.79 -6.72 8.18
C PRO C 93 -19.31 -8.15 8.46
N ASP C 94 -19.25 -8.46 9.75
CA ASP C 94 -18.83 -9.79 10.17
C ASP C 94 -19.87 -10.85 9.81
N ASP C 95 -21.09 -10.69 10.33
CA ASP C 95 -22.18 -11.63 10.04
C ASP C 95 -22.80 -11.22 8.70
N PHE C 96 -22.10 -11.58 7.63
CA PHE C 96 -22.45 -11.13 6.29
C PHE C 96 -23.16 -12.24 5.54
N THR C 97 -24.35 -11.94 5.03
CA THR C 97 -25.13 -12.87 4.22
C THR C 97 -25.21 -12.29 2.81
N GLY C 98 -24.42 -12.84 1.91
CA GLY C 98 -24.38 -12.32 0.55
C GLY C 98 -23.34 -13.03 -0.27
N CYS C 99 -23.11 -12.50 -1.47
CA CYS C 99 -22.18 -13.07 -2.42
C CYS C 99 -21.27 -11.98 -2.95
N VAL C 100 -20.02 -12.36 -3.23
CA VAL C 100 -19.01 -11.47 -3.77
C VAL C 100 -18.56 -12.02 -5.11
N ILE C 101 -18.62 -11.19 -6.15
CA ILE C 101 -18.30 -11.59 -7.51
C ILE C 101 -17.17 -10.71 -8.02
N ALA C 102 -16.09 -11.33 -8.48
CA ALA C 102 -14.96 -10.60 -9.05
C ALA C 102 -14.56 -11.25 -10.36
N TRP C 103 -14.37 -10.43 -11.39
CA TRP C 103 -13.93 -10.93 -12.69
C TRP C 103 -12.99 -9.92 -13.33
N ASN C 104 -12.01 -10.43 -14.04
CA ASN C 104 -10.97 -9.57 -14.61
C ASN C 104 -11.55 -8.66 -15.68
N SER C 105 -10.94 -7.48 -15.80
CA SER C 105 -11.38 -6.49 -16.78
C SER C 105 -10.19 -5.82 -17.44
N ASN C 106 -9.05 -6.50 -17.50
CA ASN C 106 -7.88 -5.92 -18.16
C ASN C 106 -8.11 -5.72 -19.65
N LYS C 107 -9.03 -6.47 -20.25
CA LYS C 107 -9.30 -6.31 -21.67
C LYS C 107 -9.95 -4.97 -21.97
N LEU C 108 -10.85 -4.51 -21.11
CA LEU C 108 -11.66 -3.32 -21.37
C LEU C 108 -11.37 -2.17 -20.43
N ASP C 109 -11.28 -2.44 -19.12
CA ASP C 109 -11.15 -1.34 -18.16
C ASP C 109 -9.77 -0.70 -18.23
N SER C 110 -8.74 -1.47 -18.57
CA SER C 110 -7.41 -0.89 -18.73
C SER C 110 -7.40 0.08 -19.91
N LYS C 111 -6.68 1.18 -19.75
CA LYS C 111 -6.66 2.23 -20.75
C LYS C 111 -5.36 2.16 -21.56
N VAL C 112 -5.24 3.06 -22.53
CA VAL C 112 -4.12 3.00 -23.48
C VAL C 112 -2.81 3.28 -22.77
N GLY C 113 -2.74 4.37 -22.00
CA GLY C 113 -1.52 4.72 -21.32
C GLY C 113 -1.72 5.30 -19.94
N GLY C 114 -2.96 5.30 -19.46
CA GLY C 114 -3.25 5.82 -18.14
C GLY C 114 -4.72 5.79 -17.79
N ASN C 115 -5.03 5.36 -16.58
CA ASN C 115 -6.40 5.28 -16.08
C ASN C 115 -6.50 5.97 -14.72
N TYR C 116 -5.98 7.19 -14.65
CA TYR C 116 -5.96 7.95 -13.41
C TYR C 116 -7.35 8.32 -12.90
N ASN C 117 -8.41 7.91 -13.60
CA ASN C 117 -9.75 8.22 -13.14
C ASN C 117 -10.07 7.54 -11.82
N TYR C 118 -9.64 6.30 -11.66
CA TYR C 118 -9.99 5.51 -10.48
C TYR C 118 -9.09 5.87 -9.31
N ARG C 119 -9.70 6.05 -8.14
CA ARG C 119 -8.97 6.48 -6.96
C ARG C 119 -9.43 5.68 -5.75
N TYR C 120 -8.59 5.66 -4.71
CA TYR C 120 -8.95 5.05 -3.44
C TYR C 120 -8.47 5.96 -2.32
N ARG C 121 -9.10 5.82 -1.16
CA ARG C 121 -8.85 6.71 -0.03
C ARG C 121 -7.66 6.18 0.77
N LEU C 122 -6.50 6.79 0.56
CA LEU C 122 -5.30 6.35 1.25
C LEU C 122 -5.29 6.80 2.71
N PHE C 123 -5.79 8.01 2.97
CA PHE C 123 -5.68 8.62 4.29
C PHE C 123 -7.06 8.83 4.89
N ARG C 124 -7.23 8.36 6.12
CA ARG C 124 -8.45 8.56 6.88
C ARG C 124 -8.10 8.47 8.36
N LYS C 125 -8.84 9.22 9.17
CA LYS C 125 -8.58 9.27 10.61
C LYS C 125 -8.89 7.94 11.29
N SER C 126 -9.93 7.24 10.89
CA SER C 126 -10.34 6.03 11.58
C SER C 126 -11.08 5.11 10.61
N ASN C 127 -11.24 3.86 11.03
CA ASN C 127 -11.87 2.85 10.20
C ASN C 127 -13.35 3.17 9.98
N LEU C 128 -13.93 2.51 8.98
CA LEU C 128 -15.32 2.69 8.63
C LEU C 128 -16.21 1.67 9.34
N LYS C 129 -17.37 2.14 9.80
CA LYS C 129 -18.41 1.22 10.24
C LYS C 129 -18.88 0.41 9.04
N PRO C 130 -19.33 -0.82 9.25
CA PRO C 130 -19.66 -1.69 8.12
C PRO C 130 -20.70 -1.06 7.22
N PHE C 131 -20.47 -1.18 5.90
CA PHE C 131 -21.36 -0.65 4.88
C PHE C 131 -21.50 0.87 5.00
N GLU C 132 -20.39 1.57 4.81
CA GLU C 132 -20.36 3.03 4.91
C GLU C 132 -19.71 3.59 3.67
N ARG C 133 -19.74 4.92 3.55
CA ARG C 133 -19.18 5.59 2.38
C ARG C 133 -18.76 7.00 2.75
N ASP C 134 -17.63 7.44 2.20
CA ASP C 134 -17.11 8.78 2.39
C ASP C 134 -16.63 9.30 1.05
N ILE C 135 -17.14 10.45 0.64
CA ILE C 135 -16.76 11.07 -0.63
C ILE C 135 -16.12 12.44 -0.42
N SER C 136 -15.63 12.70 0.79
CA SER C 136 -14.99 13.97 1.07
C SER C 136 -13.62 14.06 0.41
N THR C 137 -13.34 15.20 -0.22
CA THR C 137 -12.06 15.47 -0.83
C THR C 137 -11.25 16.51 -0.06
N GLU C 138 -11.56 16.70 1.22
CA GLU C 138 -10.84 17.68 2.02
C GLU C 138 -9.39 17.24 2.23
N ILE C 139 -8.51 18.23 2.39
CA ILE C 139 -7.10 17.94 2.58
C ILE C 139 -6.86 17.39 3.97
N TYR C 140 -6.13 16.27 4.03
CA TYR C 140 -5.82 15.62 5.30
C TYR C 140 -4.82 16.43 6.10
N GLN C 141 -4.83 16.23 7.41
CA GLN C 141 -3.95 16.92 8.33
C GLN C 141 -3.00 15.92 8.98
N ALA C 142 -1.71 16.21 8.91
CA ALA C 142 -0.67 15.40 9.55
C ALA C 142 0.18 16.32 10.39
N GLY C 143 0.11 16.16 11.71
CA GLY C 143 0.84 16.99 12.64
C GLY C 143 -0.08 17.98 13.35
N ASN C 144 0.37 18.42 14.53
CA ASN C 144 -0.42 19.32 15.34
C ASN C 144 -0.54 20.70 14.73
N LYS C 145 0.34 21.06 13.80
CA LYS C 145 0.26 22.36 13.15
C LYS C 145 -1.04 22.44 12.34
N PRO C 146 -1.72 23.59 12.36
CA PRO C 146 -2.95 23.72 11.58
C PRO C 146 -2.69 23.51 10.09
N CYS C 147 -3.65 22.87 9.43
CA CYS C 147 -3.52 22.50 8.03
C CYS C 147 -4.30 23.47 7.16
N ASN C 148 -3.62 24.08 6.20
CA ASN C 148 -4.25 25.03 5.30
C ASN C 148 -4.85 24.30 4.10
N GLY C 149 -5.45 25.06 3.19
CA GLY C 149 -6.06 24.45 2.02
C GLY C 149 -5.04 23.80 1.09
N VAL C 150 -3.91 24.47 0.87
CA VAL C 150 -2.88 23.93 -0.01
C VAL C 150 -2.25 22.70 0.64
N ALA C 151 -2.07 21.65 -0.16
CA ALA C 151 -1.49 20.41 0.36
C ALA C 151 -0.07 20.64 0.86
N GLY C 152 0.85 20.97 -0.04
CA GLY C 152 2.20 21.30 0.38
C GLY C 152 2.85 20.17 1.16
N VAL C 153 3.38 20.51 2.33
CA VAL C 153 4.06 19.57 3.20
C VAL C 153 3.23 19.37 4.46
N ASN C 154 3.12 18.11 4.90
CA ASN C 154 2.37 17.67 6.07
C ASN C 154 0.85 17.76 5.87
N CYS C 155 0.38 18.16 4.70
CA CYS C 155 -1.02 18.05 4.32
C CYS C 155 -1.10 17.39 2.95
N TYR C 156 -1.92 16.35 2.85
CA TYR C 156 -1.98 15.53 1.65
C TYR C 156 -3.39 15.48 1.10
N PHE C 157 -3.50 15.44 -0.21
CA PHE C 157 -4.74 15.07 -0.87
C PHE C 157 -4.98 13.59 -0.60
N PRO C 158 -6.09 13.20 0.03
CA PRO C 158 -6.22 11.79 0.43
C PRO C 158 -6.23 10.81 -0.72
N LEU C 159 -7.05 11.07 -1.74
CA LEU C 159 -7.24 10.10 -2.80
C LEU C 159 -5.97 9.92 -3.61
N GLN C 160 -5.67 8.68 -3.96
CA GLN C 160 -4.51 8.34 -4.77
C GLN C 160 -4.95 7.56 -5.99
N SER C 161 -4.31 7.80 -7.12
CA SER C 161 -4.79 7.31 -8.40
C SER C 161 -4.14 5.97 -8.73
N TYR C 162 -4.96 5.02 -9.16
CA TYR C 162 -4.46 3.79 -9.75
C TYR C 162 -3.69 4.10 -11.02
N GLY C 163 -2.75 3.22 -11.34
CA GLY C 163 -2.10 3.25 -12.64
C GLY C 163 -2.43 1.99 -13.40
N PHE C 164 -3.20 2.11 -14.48
CA PHE C 164 -3.61 0.97 -15.27
C PHE C 164 -3.04 1.07 -16.67
N ARG C 165 -2.29 0.05 -17.07
CA ARG C 165 -1.76 -0.07 -18.42
C ARG C 165 -1.80 -1.54 -18.81
N PRO C 166 -1.99 -1.84 -20.09
CA PRO C 166 -2.17 -3.24 -20.50
C PRO C 166 -0.97 -4.13 -20.24
N THR C 167 0.22 -3.55 -20.10
CA THR C 167 1.42 -4.35 -19.89
C THR C 167 1.66 -4.72 -18.43
N TYR C 168 0.80 -4.28 -17.52
CA TYR C 168 1.02 -4.53 -16.10
C TYR C 168 0.71 -5.98 -15.76
N GLY C 169 1.32 -6.45 -14.68
CA GLY C 169 1.17 -7.83 -14.28
C GLY C 169 -0.22 -8.13 -13.76
N VAL C 170 -0.49 -9.43 -13.60
CA VAL C 170 -1.82 -9.88 -13.20
C VAL C 170 -2.17 -9.36 -11.81
N GLY C 171 -1.17 -9.10 -10.98
CA GLY C 171 -1.44 -8.57 -9.66
C GLY C 171 -2.02 -7.16 -9.70
N HIS C 172 -1.49 -6.31 -10.57
CA HIS C 172 -1.88 -4.92 -10.65
C HIS C 172 -2.92 -4.66 -11.73
N GLN C 173 -3.49 -5.70 -12.32
CA GLN C 173 -4.48 -5.56 -13.38
C GLN C 173 -5.84 -5.18 -12.80
N PRO C 174 -6.65 -4.43 -13.55
CA PRO C 174 -7.94 -3.99 -13.03
C PRO C 174 -8.89 -5.16 -12.85
N TYR C 175 -9.76 -5.04 -11.85
CA TYR C 175 -10.78 -6.03 -11.56
C TYR C 175 -12.10 -5.33 -11.29
N ARG C 176 -13.20 -6.05 -11.54
CA ARG C 176 -14.54 -5.56 -11.27
C ARG C 176 -15.19 -6.44 -10.22
N VAL C 177 -15.66 -5.82 -9.14
CA VAL C 177 -16.23 -6.52 -8.01
C VAL C 177 -17.64 -6.00 -7.77
N VAL C 178 -18.61 -6.92 -7.68
CA VAL C 178 -19.99 -6.58 -7.35
C VAL C 178 -20.37 -7.42 -6.13
N VAL C 179 -20.84 -6.76 -5.08
CA VAL C 179 -21.24 -7.43 -3.86
C VAL C 179 -22.76 -7.34 -3.75
N LEU C 180 -23.42 -8.48 -3.68
CA LEU C 180 -24.88 -8.55 -3.59
C LEU C 180 -25.24 -8.89 -2.16
N SER C 181 -25.51 -7.88 -1.36
CA SER C 181 -25.94 -8.08 0.02
C SER C 181 -27.37 -8.61 0.04
N PHE C 182 -27.67 -9.41 1.04
CA PHE C 182 -28.98 -10.03 1.17
C PHE C 182 -29.63 -9.58 2.47
N GLU C 183 -30.96 -9.57 2.48
CA GLU C 183 -31.71 -9.09 3.63
C GLU C 183 -33.10 -9.71 3.67
N THR C 190 -40.53 -11.11 -1.52
CA THR C 190 -40.78 -10.46 -2.81
C THR C 190 -39.73 -10.86 -3.85
N VAL C 191 -38.45 -10.84 -3.45
CA VAL C 191 -37.35 -11.16 -4.37
C VAL C 191 -37.15 -12.66 -4.29
N CYS C 192 -37.93 -13.39 -5.06
CA CYS C 192 -37.87 -14.85 -5.11
C CYS C 192 -37.71 -15.27 -6.56
N GLY C 193 -36.55 -15.82 -6.89
CA GLY C 193 -36.27 -16.23 -8.25
C GLY C 193 -37.07 -17.44 -8.69
N PRO C 194 -37.16 -17.65 -9.99
CA PRO C 194 -37.88 -18.79 -10.56
C PRO C 194 -37.09 -20.09 -10.49
#